data_7X79
#
_entry.id   7X79
#
_cell.length_a   50.203
_cell.length_b   64.070
_cell.length_c   99.576
_cell.angle_alpha   90.000
_cell.angle_beta   90.000
_cell.angle_gamma   90.000
#
_symmetry.space_group_name_H-M   'P 21 21 21'
#
loop_
_entity.id
_entity.type
_entity.pdbx_description
1 polymer 'Calpain-1 catalytic subunit'
2 non-polymer N-[(2S)-3-cyclohexyl-1-oxidanylidene-1-[[(2S,3S)-3-oxidanyl-4-oxidanylidene-1-[(3S)-2-oxidanylidenepiperidin-3-yl]-4-[(phenylmethyl)amino]butan-2-yl]amino]propan-2-yl]-1-benzofuran-2-carboxamide
3 non-polymer 'HYDROSULFURIC ACID'
4 non-polymer 'CALCIUM ION'
5 water water
#
_entity_poly.entity_id   1
_entity_poly.type   'polypeptide(L)'
_entity_poly.pdbx_seq_one_letter_code
;MSEEIITPVYCTGVSAQVQKQRARELGLGRHENAIKYLGQDYEQLRVRCLQSGTLFRDEAFPPVPQSLGYKDLGPNSSKT
YGIKWKRPTELLSNPQFIVDGATRTDICQGALGDCWLLAAIASLTLNDTLLHRVVPHGQSFQNGYAGIFHFQLWQFGEWV
DVVVDDLLPIKDGKLVFVHSAEGNEFWSALLEKAYAKVNGSYEALSGGSTSEGFEDFTGGVTEWYELRKAPSDLYQIILK
ALERGSLLGCSIDISSVLDMEAITFKKLVKGHAYSVTGAKQVNYRGQVVSLIRMRNPWGEVEWTGAWSDSSSEWNNVDPY
ERDQLRVKMEDGEFWMSFRDFMREFTRLEICNLTPDALKSRTIRKWNTTLYEGTWRRGSTAGGCRNYPATFWVNPQFKIR
LDETDDPDDYGDRESGCSFVLALMQKHRRRERRFGRDMETIGFAVYEVPPELVGQPAVHLKRDFFLANASRARSEQFINL
REVSTRFRLPPGEYVVVPSTFEPNKEGDFVLRFFSEKSAGTVELDDQIQANLPDEQVLSEEEIDENFKALFRQLAGEDME
ISVKELRTILNRIISKHKDLRTKGFSLESCRSMVNLMDRDGNGKLGLVEFNILWNRIRNYLSIFRKFDLDKSGSMSAYEM
RMAIESAGFKLNKKLYELIITRYSEPDLAVDFDNFVCCLVRLETMFRFFKTLDTDLDGVVTFDLFKWLQLTMFA
;
_entity_poly.pdbx_strand_id   A
#
# COMPACT_ATOMS: atom_id res chain seq x y z
N ASN A 33 -4.54 -5.83 24.21
CA ASN A 33 -4.12 -4.56 23.65
C ASN A 33 -2.67 -4.59 23.18
N ALA A 34 -2.32 -3.63 22.32
CA ALA A 34 -0.99 -3.55 21.74
C ALA A 34 0.06 -3.16 22.79
N ILE A 35 1.25 -3.72 22.62
CA ILE A 35 2.44 -3.29 23.37
C ILE A 35 2.87 -1.95 22.83
N LYS A 36 3.34 -1.05 23.70
CA LYS A 36 3.83 0.25 23.25
C LYS A 36 5.27 0.11 22.75
N TYR A 37 5.51 0.34 21.47
CA TYR A 37 6.82 0.24 20.86
C TYR A 37 7.75 1.24 21.48
N LEU A 38 8.85 0.76 22.04
CA LEU A 38 9.87 1.55 22.74
C LEU A 38 9.34 2.31 23.95
N GLY A 39 8.26 1.83 24.56
CA GLY A 39 7.59 2.44 25.64
C GLY A 39 6.87 3.72 25.33
N GLN A 40 6.81 4.14 24.07
CA GLN A 40 6.17 5.41 23.80
C GLN A 40 4.65 5.28 23.88
N ASP A 41 4.04 6.16 24.67
CA ASP A 41 2.62 6.12 24.98
C ASP A 41 1.94 7.23 24.19
N TYR A 42 1.26 6.86 23.10
CA TYR A 42 0.63 7.84 22.22
C TYR A 42 -0.21 8.85 22.99
N GLU A 43 -1.13 8.38 23.83
CA GLU A 43 -2.07 9.32 24.44
C GLU A 43 -1.38 10.21 25.45
N GLN A 44 -0.46 9.66 26.24
CA GLN A 44 0.24 10.48 27.22
C GLN A 44 1.10 11.53 26.54
N LEU A 45 1.79 11.15 25.48
CA LEU A 45 2.63 12.08 24.74
C LEU A 45 1.77 13.19 24.12
N ARG A 46 0.66 12.80 23.47
CA ARG A 46 -0.23 13.78 22.86
C ARG A 46 -0.76 14.76 23.90
N VAL A 47 -1.20 14.23 25.04
CA VAL A 47 -1.75 15.08 26.09
C VAL A 47 -0.69 16.02 26.65
N ARG A 48 0.52 15.51 26.89
CA ARG A 48 1.60 16.38 27.38
C ARG A 48 1.88 17.51 26.40
N CYS A 49 1.95 17.20 25.11
CA CYS A 49 2.22 18.24 24.12
C CYS A 49 1.08 19.25 24.06
N LEU A 50 -0.16 18.76 24.11
CA LEU A 50 -1.32 19.64 24.09
C LEU A 50 -1.33 20.57 25.29
N GLN A 51 -0.91 20.07 26.46
CA GLN A 51 -0.86 20.92 27.64
C GLN A 51 0.30 21.89 27.58
N SER A 52 1.40 21.47 26.95
CA SER A 52 2.57 22.33 26.76
C SER A 52 2.42 23.28 25.60
N GLY A 53 1.38 23.14 24.80
CA GLY A 53 1.21 23.98 23.64
C GLY A 53 2.24 23.75 22.54
N THR A 54 2.88 22.59 22.54
CA THR A 54 4.00 22.30 21.64
C THR A 54 3.62 21.15 20.71
N LEU A 55 4.47 20.93 19.71
CA LEU A 55 4.31 19.82 18.78
C LEU A 55 5.29 18.71 19.10
N PHE A 56 4.83 17.47 18.96
CA PHE A 56 5.65 16.30 19.28
C PHE A 56 6.87 16.20 18.37
N ARG A 57 8.02 15.91 18.98
CA ARG A 57 9.26 15.60 18.26
C ARG A 57 9.71 14.23 18.71
N ASP A 58 9.77 13.28 17.78
CA ASP A 58 10.03 11.88 18.11
C ASP A 58 11.52 11.65 18.28
N GLU A 59 11.96 11.50 19.52
CA GLU A 59 13.38 11.28 19.76
C GLU A 59 13.83 9.91 19.27
N ALA A 60 12.91 8.97 19.04
CA ALA A 60 13.27 7.64 18.57
C ALA A 60 13.40 7.55 17.06
N PHE A 61 12.94 8.56 16.30
CA PHE A 61 13.03 8.53 14.84
C PHE A 61 13.02 9.98 14.34
N PRO A 62 14.14 10.67 14.51
CA PRO A 62 14.16 12.13 14.27
C PRO A 62 14.23 12.47 12.79
N PRO A 63 13.91 13.72 12.43
CA PRO A 63 13.93 14.11 11.00
C PRO A 63 15.36 14.42 10.55
N VAL A 64 16.18 13.38 10.48
CA VAL A 64 17.63 13.53 10.26
C VAL A 64 18.02 12.62 9.11
N PRO A 65 19.19 12.84 8.49
CA PRO A 65 19.56 12.00 7.33
C PRO A 65 19.53 10.51 7.61
N GLN A 66 19.93 10.08 8.81
CA GLN A 66 19.95 8.67 9.11
C GLN A 66 18.57 8.04 9.08
N SER A 67 17.50 8.83 9.28
CA SER A 67 16.16 8.25 9.16
C SER A 67 15.78 8.04 7.71
N LEU A 68 16.37 8.81 6.78
CA LEU A 68 16.15 8.54 5.36
C LEU A 68 16.85 7.26 4.93
N GLY A 69 18.15 7.16 5.22
CA GLY A 69 18.86 5.97 4.81
C GLY A 69 20.35 6.09 5.08
N TYR A 70 21.04 5.08 4.60
CA TYR A 70 22.44 4.87 4.86
C TYR A 70 23.31 4.80 3.63
N LYS A 71 22.78 4.41 2.48
CA LYS A 71 23.62 4.36 1.31
C LYS A 71 23.00 5.01 0.11
N ASP A 72 21.99 4.39 -0.46
CA ASP A 72 21.37 5.01 -1.59
C ASP A 72 20.65 6.27 -1.19
N LEU A 73 20.14 6.28 0.02
CA LEU A 73 19.51 7.45 0.60
C LEU A 73 20.35 8.01 1.75
N GLY A 74 21.68 7.77 1.69
CA GLY A 74 22.58 8.18 2.74
C GLY A 74 22.95 9.63 2.63
N PRO A 75 23.69 10.11 3.63
CA PRO A 75 23.96 11.55 3.73
C PRO A 75 24.61 12.16 2.50
N ASN A 76 25.56 11.46 1.88
CA ASN A 76 26.28 12.00 0.74
C ASN A 76 25.73 11.49 -0.59
N SER A 77 24.44 11.18 -0.64
CA SER A 77 23.83 10.61 -1.82
C SER A 77 23.07 11.66 -2.60
N SER A 78 23.20 11.62 -3.94
CA SER A 78 22.48 12.54 -4.80
C SER A 78 20.98 12.34 -4.71
N LYS A 79 20.51 11.16 -4.29
CA LYS A 79 19.08 10.92 -4.25
C LYS A 79 18.40 11.62 -3.08
N THR A 80 19.16 12.18 -2.13
CA THR A 80 18.55 12.94 -1.06
C THR A 80 18.62 14.44 -1.32
N TYR A 81 19.04 14.83 -2.53
CA TYR A 81 19.12 16.24 -2.90
C TYR A 81 17.78 16.93 -2.73
N GLY A 82 17.78 18.05 -2.02
CA GLY A 82 16.60 18.87 -1.85
C GLY A 82 15.54 18.31 -0.94
N ILE A 83 15.79 17.19 -0.26
CA ILE A 83 14.78 16.61 0.62
C ILE A 83 14.84 17.35 1.95
N LYS A 84 13.68 17.84 2.40
CA LYS A 84 13.53 18.50 3.68
C LYS A 84 12.44 17.78 4.46
N TRP A 85 12.27 18.13 5.74
CA TRP A 85 11.26 17.49 6.57
C TRP A 85 10.21 18.52 6.99
N LYS A 86 8.95 18.24 6.67
CA LYS A 86 7.87 19.18 6.96
C LYS A 86 6.65 18.45 7.48
N ARG A 87 5.95 19.07 8.44
CA ARG A 87 4.66 18.52 8.87
C ARG A 87 3.58 18.94 7.88
N PRO A 88 2.49 18.18 7.76
CA PRO A 88 1.44 18.59 6.82
C PRO A 88 0.83 19.94 7.17
N THR A 89 0.88 20.30 8.46
CA THR A 89 0.38 21.59 8.89
C THR A 89 1.36 22.71 8.54
N GLU A 90 2.56 22.37 8.07
CA GLU A 90 3.51 23.35 7.54
C GLU A 90 3.45 23.44 6.02
N LEU A 91 2.65 22.60 5.38
CA LEU A 91 2.56 22.44 3.94
C LEU A 91 1.28 23.00 3.34
N LEU A 92 0.13 22.70 3.95
CA LEU A 92 -1.18 22.99 3.38
C LEU A 92 -2.05 23.64 4.43
N SER A 93 -3.11 24.27 3.97
CA SER A 93 -4.04 24.90 4.85
C SER A 93 -4.90 23.94 5.64
N ASN A 94 -5.40 22.91 5.02
CA ASN A 94 -6.28 22.00 5.72
C ASN A 94 -5.89 20.54 5.50
N PRO A 95 -4.75 20.16 6.05
CA PRO A 95 -4.36 18.77 5.91
C PRO A 95 -5.37 17.82 6.60
N GLN A 96 -5.58 16.68 5.98
CA GLN A 96 -6.51 15.71 6.53
C GLN A 96 -5.79 14.39 6.77
N PHE A 97 -6.18 13.71 7.85
CA PHE A 97 -5.69 12.34 8.05
C PHE A 97 -6.33 11.39 7.04
N ILE A 98 -7.66 11.35 7.02
CA ILE A 98 -8.38 10.48 6.11
C ILE A 98 -9.42 11.29 5.36
N VAL A 99 -9.44 11.14 4.02
CA VAL A 99 -10.40 11.78 3.14
C VAL A 99 -11.12 10.69 2.35
N ASP A 100 -12.46 10.73 2.34
CA ASP A 100 -13.26 9.76 1.59
C ASP A 100 -12.84 8.32 1.88
N GLY A 101 -12.56 8.02 3.14
CA GLY A 101 -12.15 6.69 3.52
C GLY A 101 -10.65 6.48 3.37
N ALA A 102 -10.15 5.52 4.13
CA ALA A 102 -8.77 5.03 3.95
C ALA A 102 -8.88 3.89 2.95
N THR A 103 -8.57 4.16 1.67
CA THR A 103 -8.79 3.18 0.61
C THR A 103 -7.53 3.01 -0.22
N ARG A 104 -7.59 2.01 -1.12
CA ARG A 104 -6.40 1.64 -1.86
C ARG A 104 -5.96 2.72 -2.83
N THR A 105 -6.85 3.64 -3.25
CA THR A 105 -6.42 4.73 -4.11
C THR A 105 -5.52 5.73 -3.39
N ASP A 106 -5.44 5.63 -2.06
CA ASP A 106 -4.60 6.49 -1.21
C ASP A 106 -3.14 6.04 -1.20
N ILE A 107 -2.79 5.00 -1.95
CA ILE A 107 -1.46 4.36 -1.88
C ILE A 107 -0.82 4.57 -3.24
N CYS A 108 -0.04 5.64 -3.40
CA CYS A 108 0.65 5.92 -4.67
C CYS A 108 2.15 6.01 -4.36
N GLN A 109 2.91 5.06 -4.87
CA GLN A 109 4.33 4.94 -4.56
C GLN A 109 5.11 6.19 -4.89
N GLY A 110 6.11 6.47 -4.07
CA GLY A 110 7.03 7.55 -4.29
C GLY A 110 8.41 7.00 -4.67
N ALA A 111 9.45 7.76 -4.38
CA ALA A 111 10.81 7.39 -4.75
C ALA A 111 11.48 6.48 -3.76
N LEU A 112 10.96 5.29 -3.61
CA LEU A 112 11.47 4.32 -2.69
C LEU A 112 11.01 2.98 -3.16
N GLY A 113 11.90 2.03 -3.15
CA GLY A 113 11.59 0.72 -3.69
C GLY A 113 10.75 -0.16 -2.76
N ASP A 114 9.73 0.39 -2.11
CA ASP A 114 8.91 -0.40 -1.17
C ASP A 114 7.59 -0.86 -1.76
N CYS A 115 7.55 -1.17 -3.05
CA CYS A 115 6.31 -1.64 -3.67
C CYS A 115 5.65 -2.80 -2.93
N TRP A 116 6.43 -3.72 -2.38
CA TRP A 116 5.89 -4.84 -1.63
C TRP A 116 5.05 -4.36 -0.43
N LEU A 117 5.60 -3.43 0.35
CA LEU A 117 4.89 -2.85 1.47
C LEU A 117 3.62 -2.11 1.03
N LEU A 118 3.73 -1.29 -0.03
CA LEU A 118 2.56 -0.51 -0.45
C LEU A 118 1.46 -1.41 -1.01
N ALA A 119 1.83 -2.48 -1.72
CA ALA A 119 0.81 -3.43 -2.15
C ALA A 119 0.13 -4.07 -0.96
N ALA A 120 0.90 -4.34 0.09
CA ALA A 120 0.29 -4.88 1.30
C ALA A 120 -0.69 -3.88 1.93
N ILE A 121 -0.33 -2.59 1.98
CA ILE A 121 -1.23 -1.60 2.57
C ILE A 121 -2.52 -1.48 1.74
N ALA A 122 -2.38 -1.40 0.43
CA ALA A 122 -3.57 -1.34 -0.42
C ALA A 122 -4.46 -2.55 -0.21
N SER A 123 -3.87 -3.76 -0.10
CA SER A 123 -4.71 -4.94 0.13
C SER A 123 -5.38 -4.88 1.50
N LEU A 124 -4.64 -4.39 2.51
CA LEU A 124 -5.20 -4.23 3.85
C LEU A 124 -6.47 -3.38 3.86
N THR A 125 -6.51 -2.34 3.02
CA THR A 125 -7.70 -1.47 3.06
C THR A 125 -8.98 -2.21 2.71
N LEU A 126 -8.89 -3.39 2.12
CA LEU A 126 -10.08 -4.16 1.77
C LEU A 126 -10.64 -4.96 2.93
N ASN A 127 -9.89 -5.07 4.03
CA ASN A 127 -10.34 -5.77 5.23
C ASN A 127 -10.66 -4.71 6.27
N ASP A 128 -11.96 -4.40 6.45
CA ASP A 128 -12.30 -3.21 7.24
C ASP A 128 -11.85 -3.33 8.69
N THR A 129 -11.96 -4.52 9.28
CA THR A 129 -11.57 -4.67 10.68
C THR A 129 -10.07 -4.48 10.86
N LEU A 130 -9.27 -5.17 10.04
CA LEU A 130 -7.81 -5.04 10.19
C LEU A 130 -7.36 -3.63 9.84
N LEU A 131 -7.97 -3.03 8.81
CA LEU A 131 -7.64 -1.66 8.46
C LEU A 131 -7.83 -0.72 9.65
N HIS A 132 -8.94 -0.88 10.37
CA HIS A 132 -9.21 0.00 11.50
C HIS A 132 -8.35 -0.32 12.73
N ARG A 133 -7.74 -1.50 12.78
CA ARG A 133 -6.74 -1.75 13.81
C ARG A 133 -5.40 -1.10 13.44
N VAL A 134 -4.91 -1.39 12.24
CA VAL A 134 -3.63 -0.86 11.80
C VAL A 134 -3.66 0.66 11.75
N VAL A 135 -4.75 1.23 11.26
CA VAL A 135 -4.91 2.70 11.12
C VAL A 135 -5.98 3.17 12.09
N PRO A 136 -5.60 3.67 13.25
CA PRO A 136 -6.61 4.19 14.18
C PRO A 136 -7.32 5.39 13.57
N HIS A 137 -8.60 5.23 13.25
CA HIS A 137 -9.35 6.32 12.67
C HIS A 137 -9.65 7.37 13.74
N GLY A 138 -9.96 8.58 13.30
CA GLY A 138 -10.29 9.63 14.24
C GLY A 138 -9.12 10.51 14.65
N GLN A 139 -7.89 10.08 14.39
CA GLN A 139 -6.77 11.00 14.49
C GLN A 139 -6.99 12.15 13.51
N SER A 140 -6.58 13.35 13.88
CA SER A 140 -6.94 14.52 13.09
C SER A 140 -5.82 15.56 13.13
N PHE A 141 -5.80 16.44 12.15
CA PHE A 141 -4.84 17.53 12.17
C PHE A 141 -5.51 18.78 12.77
N GLN A 142 -6.75 18.66 13.14
CA GLN A 142 -7.47 19.76 13.71
C GLN A 142 -7.66 19.56 15.21
N ASN A 143 -8.85 19.19 15.62
CA ASN A 143 -9.08 19.06 17.03
C ASN A 143 -8.23 18.00 17.70
N GLY A 144 -7.53 18.36 18.76
CA GLY A 144 -6.68 17.43 19.48
C GLY A 144 -5.29 17.26 18.90
N TYR A 145 -4.98 18.00 17.86
CA TYR A 145 -3.69 17.86 17.20
C TYR A 145 -2.49 18.36 17.96
N ALA A 146 -1.52 17.50 18.12
CA ALA A 146 -0.27 17.84 18.73
C ALA A 146 0.98 17.33 17.96
N GLY A 147 0.86 17.09 16.68
CA GLY A 147 1.98 16.64 15.90
C GLY A 147 2.43 15.21 16.11
N ILE A 148 1.53 14.38 16.61
CA ILE A 148 1.85 12.98 16.89
C ILE A 148 0.72 12.10 16.35
N PHE A 149 1.09 10.98 15.72
CA PHE A 149 0.16 9.98 15.22
C PHE A 149 0.66 8.60 15.66
N HIS A 150 -0.22 7.61 15.58
CA HIS A 150 0.15 6.25 15.94
C HIS A 150 -0.56 5.25 15.03
N PHE A 151 0.05 4.05 14.98
CA PHE A 151 -0.44 2.93 14.17
C PHE A 151 -0.16 1.63 14.90
N GLN A 152 -0.93 0.60 14.57
CA GLN A 152 -0.67 -0.74 15.09
C GLN A 152 0.00 -1.58 14.01
N LEU A 153 1.09 -2.26 14.38
CA LEU A 153 1.81 -3.16 13.49
C LEU A 153 2.01 -4.51 14.18
N TRP A 154 1.94 -5.58 13.41
CA TRP A 154 2.24 -6.91 13.92
C TRP A 154 3.75 -7.12 13.75
N GLN A 155 4.46 -7.24 14.86
CA GLN A 155 5.91 -7.32 14.89
C GLN A 155 6.32 -8.47 15.81
N PHE A 156 7.11 -9.40 15.28
CA PHE A 156 7.66 -10.53 16.05
C PHE A 156 6.60 -11.22 16.92
N GLY A 157 5.46 -11.49 16.30
CA GLY A 157 4.44 -12.27 16.97
C GLY A 157 3.49 -11.51 17.85
N GLU A 158 3.51 -10.17 17.82
CA GLU A 158 2.57 -9.44 18.68
C GLU A 158 2.19 -8.13 17.99
N TRP A 159 1.03 -7.59 18.37
CA TRP A 159 0.66 -6.26 17.92
C TRP A 159 1.38 -5.24 18.79
N VAL A 160 1.93 -4.20 18.15
CA VAL A 160 2.63 -3.12 18.84
C VAL A 160 2.12 -1.79 18.30
N ASP A 161 2.05 -0.82 19.20
CA ASP A 161 1.59 0.52 18.87
C ASP A 161 2.81 1.41 18.67
N VAL A 162 2.95 1.94 17.46
CA VAL A 162 4.10 2.74 17.03
C VAL A 162 3.64 4.18 16.89
N VAL A 163 4.33 5.10 17.57
CA VAL A 163 4.05 6.52 17.39
C VAL A 163 5.03 7.07 16.37
N VAL A 164 4.61 8.12 15.66
CA VAL A 164 5.50 8.96 14.86
C VAL A 164 5.13 10.41 15.10
N ASP A 165 6.12 11.30 14.97
CA ASP A 165 5.71 12.69 14.75
C ASP A 165 5.40 12.84 13.27
N ASP A 166 4.72 13.94 12.91
CA ASP A 166 4.24 14.04 11.54
C ASP A 166 5.18 14.80 10.62
N LEU A 167 6.46 14.92 10.96
CA LEU A 167 7.43 15.44 9.99
C LEU A 167 7.63 14.41 8.87
N LEU A 168 7.46 14.83 7.61
CA LEU A 168 7.57 13.93 6.47
C LEU A 168 8.55 14.44 5.44
N PRO A 169 9.23 13.53 4.75
CA PRO A 169 10.19 13.94 3.70
C PRO A 169 9.46 14.59 2.52
N ILE A 170 9.92 15.78 2.15
CA ILE A 170 9.30 16.58 1.10
C ILE A 170 10.41 17.03 0.15
N LYS A 171 10.11 17.09 -1.14
CA LYS A 171 11.00 17.72 -2.11
C LYS A 171 10.13 18.51 -3.08
N ASP A 172 10.54 19.75 -3.38
CA ASP A 172 9.74 20.62 -4.26
C ASP A 172 8.27 20.69 -3.80
N GLY A 173 8.06 20.82 -2.50
CA GLY A 173 6.72 20.96 -1.97
C GLY A 173 5.83 19.75 -2.01
N LYS A 174 6.35 18.58 -2.36
CA LYS A 174 5.55 17.36 -2.47
C LYS A 174 6.16 16.26 -1.64
N LEU A 175 5.32 15.31 -1.20
CA LEU A 175 5.86 14.14 -0.52
C LEU A 175 6.81 13.40 -1.47
N VAL A 176 7.95 12.98 -0.96
CA VAL A 176 8.88 12.25 -1.82
C VAL A 176 8.54 10.77 -1.85
N PHE A 177 8.00 10.23 -0.75
CA PHE A 177 7.69 8.80 -0.68
C PHE A 177 6.19 8.58 -0.89
N VAL A 178 5.55 7.64 -0.19
CA VAL A 178 4.16 7.35 -0.53
C VAL A 178 3.27 8.58 -0.32
N HIS A 179 2.26 8.70 -1.18
CA HIS A 179 1.32 9.81 -1.11
C HIS A 179 -0.02 9.30 -1.60
N SER A 180 -1.05 10.05 -1.27
CA SER A 180 -2.38 9.69 -1.70
C SER A 180 -2.67 10.37 -3.02
N ALA A 181 -3.63 9.80 -3.77
CA ALA A 181 -4.10 10.52 -4.95
C ALA A 181 -4.78 11.82 -4.54
N GLU A 182 -5.38 11.85 -3.35
CA GLU A 182 -5.82 13.11 -2.77
C GLU A 182 -4.62 13.81 -2.13
N GLY A 183 -4.26 14.98 -2.67
CA GLY A 183 -3.05 15.66 -2.25
C GLY A 183 -3.06 16.13 -0.81
N ASN A 184 -4.23 16.21 -0.17
CA ASN A 184 -4.24 16.69 1.21
C ASN A 184 -4.54 15.59 2.22
N GLU A 185 -4.32 14.33 1.83
CA GLU A 185 -4.58 13.20 2.71
C GLU A 185 -3.26 12.53 3.11
N PHE A 186 -3.06 12.31 4.42
CA PHE A 186 -1.75 11.89 4.93
C PHE A 186 -1.69 10.58 5.70
N TRP A 187 -2.79 9.86 5.89
CA TRP A 187 -2.71 8.65 6.71
C TRP A 187 -1.70 7.64 6.16
N SER A 188 -1.62 7.52 4.82
CA SER A 188 -0.75 6.49 4.27
C SER A 188 0.73 6.92 4.33
N ALA A 189 1.01 8.22 4.13
CA ALA A 189 2.37 8.74 4.32
C ALA A 189 2.85 8.46 5.73
N LEU A 190 1.96 8.65 6.71
CA LEU A 190 2.34 8.46 8.10
C LEU A 190 2.48 6.99 8.44
N LEU A 191 1.63 6.12 7.84
CA LEU A 191 1.77 4.68 8.07
C LEU A 191 3.09 4.17 7.50
N GLU A 192 3.46 4.61 6.30
CA GLU A 192 4.76 4.23 5.76
C GLU A 192 5.88 4.74 6.64
N LYS A 193 5.74 5.96 7.18
CA LYS A 193 6.77 6.45 8.09
C LYS A 193 6.89 5.55 9.32
N ALA A 194 5.76 5.08 9.86
CA ALA A 194 5.83 4.19 11.02
C ALA A 194 6.54 2.88 10.69
N TYR A 195 6.29 2.37 9.49
CA TYR A 195 6.95 1.13 9.07
C TYR A 195 8.45 1.35 8.90
N ALA A 196 8.83 2.49 8.32
CA ALA A 196 10.24 2.88 8.26
C ALA A 196 10.84 2.94 9.65
N LYS A 197 10.12 3.55 10.59
CA LYS A 197 10.64 3.70 11.94
C LYS A 197 11.00 2.36 12.55
N VAL A 198 10.07 1.40 12.50
CA VAL A 198 10.42 0.11 13.09
C VAL A 198 11.52 -0.59 12.32
N ASN A 199 11.80 -0.18 11.08
CA ASN A 199 12.94 -0.72 10.36
C ASN A 199 14.20 0.14 10.46
N GLY A 200 14.15 1.27 11.14
CA GLY A 200 15.32 2.11 11.31
C GLY A 200 15.53 3.18 10.26
N SER A 201 14.91 3.05 9.08
CA SER A 201 15.12 4.03 8.01
C SER A 201 14.16 3.74 6.88
N TYR A 202 13.92 4.77 6.05
CA TYR A 202 13.17 4.52 4.82
C TYR A 202 13.92 3.56 3.90
N GLU A 203 15.24 3.75 3.75
CA GLU A 203 16.00 2.93 2.79
C GLU A 203 15.91 1.44 3.14
N ALA A 204 15.83 1.10 4.44
CA ALA A 204 15.65 -0.29 4.84
C ALA A 204 14.45 -0.94 4.17
N LEU A 205 13.52 -0.16 3.62
CA LEU A 205 12.33 -0.73 3.01
C LEU A 205 12.50 -0.96 1.50
N SER A 206 13.65 -0.60 0.93
CA SER A 206 13.83 -0.65 -0.52
C SER A 206 14.20 -2.08 -0.93
N GLY A 207 13.31 -2.72 -1.68
CA GLY A 207 13.48 -4.12 -2.05
C GLY A 207 13.00 -5.06 -0.97
N GLY A 208 11.88 -5.76 -1.20
CA GLY A 208 11.35 -6.64 -0.18
C GLY A 208 10.30 -7.57 -0.76
N SER A 209 9.65 -8.33 0.12
CA SER A 209 8.63 -9.30 -0.28
C SER A 209 7.28 -8.91 0.29
N THR A 210 6.24 -8.93 -0.55
CA THR A 210 4.92 -8.49 -0.13
C THR A 210 4.42 -9.27 1.09
N SER A 211 4.81 -10.54 1.19
CA SER A 211 4.40 -11.37 2.32
C SER A 211 4.76 -10.73 3.65
N GLU A 212 5.92 -10.07 3.73
CA GLU A 212 6.30 -9.45 5.00
C GLU A 212 5.34 -8.34 5.39
N GLY A 213 4.90 -7.52 4.42
CA GLY A 213 3.94 -6.49 4.74
C GLY A 213 2.56 -7.04 5.08
N PHE A 214 2.09 -8.02 4.27
CA PHE A 214 0.82 -8.70 4.58
C PHE A 214 0.82 -9.17 6.03
N GLU A 215 1.85 -9.94 6.40
CA GLU A 215 1.87 -10.49 7.75
C GLU A 215 2.02 -9.39 8.80
N ASP A 216 2.78 -8.33 8.52
CA ASP A 216 2.96 -7.30 9.54
C ASP A 216 1.71 -6.45 9.71
N PHE A 217 0.74 -6.62 8.85
CA PHE A 217 -0.49 -5.89 8.98
C PHE A 217 -1.61 -6.77 9.51
N THR A 218 -1.46 -8.09 9.42
CA THR A 218 -2.52 -8.98 9.84
C THR A 218 -2.29 -10.02 10.92
N GLY A 219 -1.06 -10.43 11.11
CA GLY A 219 -0.77 -11.50 12.02
C GLY A 219 -1.04 -12.84 11.33
N GLY A 220 -1.38 -12.83 10.05
CA GLY A 220 -1.68 -14.06 9.35
C GLY A 220 -0.43 -14.66 8.74
N VAL A 221 -0.64 -15.68 7.92
CA VAL A 221 0.44 -16.43 7.28
C VAL A 221 0.20 -16.52 5.78
N THR A 222 1.28 -16.31 5.01
CA THR A 222 1.23 -16.25 3.56
C THR A 222 1.47 -17.62 2.95
N GLU A 223 0.60 -18.01 2.03
CA GLU A 223 0.76 -19.14 1.13
C GLU A 223 1.15 -18.62 -0.26
N TRP A 224 2.11 -19.29 -0.89
CA TRP A 224 2.66 -18.87 -2.18
C TRP A 224 2.24 -19.86 -3.25
N TYR A 225 1.78 -19.35 -4.39
CA TYR A 225 1.37 -20.15 -5.55
C TYR A 225 2.24 -19.80 -6.75
N GLU A 226 2.82 -20.83 -7.37
CA GLU A 226 3.44 -20.72 -8.68
C GLU A 226 2.34 -20.94 -9.71
N LEU A 227 2.02 -19.90 -10.48
CA LEU A 227 0.85 -19.97 -11.36
C LEU A 227 1.01 -20.99 -12.47
N ARG A 228 2.24 -21.37 -12.86
CA ARG A 228 2.42 -22.44 -13.84
C ARG A 228 2.00 -23.80 -13.28
N LYS A 229 1.95 -23.93 -11.97
CA LYS A 229 1.63 -25.19 -11.31
C LYS A 229 0.59 -24.96 -10.24
N ALA A 230 -0.46 -24.29 -10.60
CA ALA A 230 -1.61 -23.89 -9.80
C ALA A 230 -2.63 -25.03 -9.76
N PRO A 231 -3.30 -25.19 -8.63
CA PRO A 231 -4.41 -26.16 -8.57
C PRO A 231 -5.54 -25.71 -9.48
N SER A 232 -6.35 -26.67 -9.90
CA SER A 232 -7.43 -26.39 -10.84
C SER A 232 -8.51 -25.49 -10.24
N ASP A 233 -8.59 -25.41 -8.91
CA ASP A 233 -9.57 -24.54 -8.27
C ASP A 233 -8.96 -23.23 -7.75
N LEU A 234 -7.85 -22.76 -8.34
CA LEU A 234 -7.24 -21.52 -7.86
C LEU A 234 -8.21 -20.34 -7.92
N TYR A 235 -9.05 -20.25 -8.96
CA TYR A 235 -9.95 -19.11 -9.03
C TYR A 235 -10.90 -19.11 -7.84
N GLN A 236 -11.44 -20.27 -7.48
CA GLN A 236 -12.33 -20.36 -6.33
C GLN A 236 -11.57 -20.05 -5.04
N ILE A 237 -10.31 -20.46 -4.97
CA ILE A 237 -9.48 -20.14 -3.81
C ILE A 237 -9.35 -18.63 -3.68
N ILE A 238 -9.11 -17.94 -4.80
CA ILE A 238 -8.98 -16.48 -4.81
C ILE A 238 -10.28 -15.82 -4.39
N LEU A 239 -11.40 -16.28 -4.96
CA LEU A 239 -12.69 -15.71 -4.61
C LEU A 239 -12.95 -15.80 -3.12
N LYS A 240 -12.76 -16.99 -2.56
CA LYS A 240 -13.03 -17.21 -1.13
C LYS A 240 -12.07 -16.41 -0.27
N ALA A 241 -10.82 -16.27 -0.70
CA ALA A 241 -9.86 -15.52 0.11
C ALA A 241 -10.20 -14.04 0.11
N LEU A 242 -10.58 -13.49 -1.06
CA LEU A 242 -11.02 -12.09 -1.10
C LEU A 242 -12.26 -11.89 -0.24
N GLU A 243 -13.20 -12.83 -0.31
CA GLU A 243 -14.43 -12.74 0.49
C GLU A 243 -14.13 -12.75 1.98
N ARG A 244 -13.15 -13.54 2.41
CA ARG A 244 -12.79 -13.63 3.83
C ARG A 244 -12.05 -12.40 4.32
N GLY A 245 -11.53 -11.56 3.44
CA GLY A 245 -10.67 -10.46 3.83
C GLY A 245 -9.20 -10.80 3.96
N SER A 246 -8.76 -11.91 3.36
CA SER A 246 -7.33 -12.19 3.27
C SER A 246 -6.66 -11.14 2.38
N LEU A 247 -5.33 -11.09 2.42
CA LEU A 247 -4.58 -10.13 1.62
C LEU A 247 -3.90 -10.87 0.48
N LEU A 248 -4.08 -10.40 -0.75
CA LEU A 248 -3.57 -11.10 -1.92
C LEU A 248 -2.69 -10.18 -2.76
N GLY A 249 -1.62 -10.77 -3.31
CA GLY A 249 -0.74 -10.02 -4.17
C GLY A 249 -0.20 -10.91 -5.27
N CYS A 250 0.36 -10.30 -6.31
CA CYS A 250 0.85 -11.10 -7.43
C CYS A 250 2.01 -10.38 -8.10
N SER A 251 2.78 -11.15 -8.87
CA SER A 251 3.95 -10.55 -9.50
C SER A 251 4.41 -11.38 -10.70
N ILE A 252 5.29 -10.75 -11.50
CA ILE A 252 5.92 -11.34 -12.66
C ILE A 252 7.40 -11.54 -12.38
N ASP A 253 7.89 -12.76 -12.58
CA ASP A 253 9.30 -13.07 -12.33
C ASP A 253 10.20 -12.26 -13.26
N ILE A 254 11.43 -12.00 -12.80
CA ILE A 254 12.47 -11.42 -13.64
C ILE A 254 13.34 -12.55 -14.19
N SER A 255 13.95 -12.33 -15.33
CA SER A 255 14.90 -13.33 -15.86
C SER A 255 16.34 -12.93 -15.54
N SER A 256 16.56 -11.64 -15.38
CA SER A 256 17.84 -11.09 -15.04
C SER A 256 17.66 -9.77 -14.36
N VAL A 257 18.74 -9.25 -13.84
CA VAL A 257 18.71 -7.99 -13.19
C VAL A 257 18.19 -6.88 -14.10
N LEU A 258 18.32 -7.06 -15.41
CA LEU A 258 17.86 -6.05 -16.35
C LEU A 258 16.34 -5.97 -16.43
N ASP A 259 15.63 -7.07 -16.15
CA ASP A 259 14.17 -7.08 -16.16
C ASP A 259 13.57 -6.38 -14.98
N MET A 260 14.37 -6.00 -14.00
CA MET A 260 13.83 -5.38 -12.81
C MET A 260 13.11 -4.13 -13.19
N GLU A 261 11.82 -4.07 -12.88
CA GLU A 261 10.91 -2.96 -13.19
C GLU A 261 10.69 -2.74 -14.68
N ALA A 262 10.94 -3.71 -15.51
CA ALA A 262 10.74 -3.53 -16.90
C ALA A 262 9.26 -3.46 -17.14
N ILE A 263 8.90 -2.56 -18.02
CA ILE A 263 7.51 -2.41 -18.41
C ILE A 263 7.30 -3.17 -19.72
N THR A 264 6.37 -4.13 -19.69
CA THR A 264 6.10 -4.92 -20.88
C THR A 264 5.31 -4.13 -21.91
N PHE A 265 5.16 -4.73 -23.10
CA PHE A 265 4.44 -4.08 -24.19
C PHE A 265 3.01 -3.77 -23.81
N LYS A 266 2.39 -4.62 -22.98
CA LYS A 266 1.04 -4.39 -22.51
C LYS A 266 0.99 -3.69 -21.15
N LYS A 267 2.10 -3.05 -20.77
CA LYS A 267 2.17 -2.17 -19.60
C LYS A 267 1.89 -2.90 -18.29
N LEU A 268 2.38 -4.13 -18.18
CA LEU A 268 2.61 -4.77 -16.90
C LEU A 268 4.06 -4.50 -16.48
N VAL A 269 4.32 -4.54 -15.17
CA VAL A 269 5.65 -4.22 -14.63
C VAL A 269 6.22 -5.49 -14.03
N LYS A 270 7.43 -5.88 -14.47
CA LYS A 270 8.10 -7.08 -13.94
C LYS A 270 8.84 -6.79 -12.64
N GLY A 271 9.01 -7.82 -11.82
CA GLY A 271 9.70 -7.65 -10.54
C GLY A 271 9.02 -6.67 -9.60
N HIS A 272 7.70 -6.57 -9.65
CA HIS A 272 6.94 -5.50 -9.02
C HIS A 272 5.69 -6.06 -8.36
N ALA A 273 5.46 -5.71 -7.10
CA ALA A 273 4.32 -6.22 -6.36
C ALA A 273 3.03 -5.54 -6.78
N TYR A 274 2.02 -6.33 -7.15
CA TYR A 274 0.67 -5.87 -7.37
C TYR A 274 -0.22 -6.36 -6.23
N SER A 275 -1.26 -5.57 -5.90
CA SER A 275 -2.33 -6.02 -5.04
C SER A 275 -3.39 -6.71 -5.87
N VAL A 276 -3.88 -7.87 -5.43
CA VAL A 276 -5.06 -8.46 -6.07
C VAL A 276 -6.27 -7.98 -5.27
N THR A 277 -7.15 -7.23 -5.93
CA THR A 277 -8.18 -6.50 -5.23
C THR A 277 -9.59 -6.93 -5.56
N GLY A 278 -9.79 -7.83 -6.51
CA GLY A 278 -11.16 -8.22 -6.79
C GLY A 278 -11.21 -9.44 -7.67
N ALA A 279 -12.41 -10.02 -7.77
CA ALA A 279 -12.61 -11.15 -8.69
C ALA A 279 -14.10 -11.32 -8.91
N LYS A 280 -14.51 -11.47 -10.17
CA LYS A 280 -15.92 -11.65 -10.45
C LYS A 280 -16.06 -12.39 -11.77
N GLN A 281 -17.06 -13.26 -11.84
CA GLN A 281 -17.41 -13.90 -13.11
C GLN A 281 -18.49 -13.08 -13.79
N VAL A 282 -18.41 -12.95 -15.11
CA VAL A 282 -19.41 -12.23 -15.90
C VAL A 282 -19.85 -13.10 -17.06
N ASN A 283 -21.07 -12.83 -17.54
CA ASN A 283 -21.55 -13.47 -18.77
C ASN A 283 -20.94 -12.75 -19.97
N TYR A 284 -20.32 -13.51 -20.88
CA TYR A 284 -19.63 -12.89 -22.00
C TYR A 284 -19.63 -13.85 -23.19
N ARG A 285 -20.21 -13.42 -24.31
CA ARG A 285 -20.20 -14.19 -25.55
C ARG A 285 -20.67 -15.63 -25.34
N GLY A 286 -21.75 -15.78 -24.57
CA GLY A 286 -22.32 -17.09 -24.35
C GLY A 286 -21.60 -17.96 -23.34
N GLN A 287 -20.53 -17.47 -22.73
CA GLN A 287 -19.81 -18.22 -21.70
C GLN A 287 -19.85 -17.44 -20.39
N VAL A 288 -19.37 -18.08 -19.34
CA VAL A 288 -19.04 -17.40 -18.09
C VAL A 288 -17.53 -17.18 -18.10
N VAL A 289 -17.11 -15.93 -17.95
CA VAL A 289 -15.69 -15.57 -17.94
C VAL A 289 -15.33 -15.13 -16.55
N SER A 290 -14.24 -15.66 -16.02
CA SER A 290 -13.74 -15.31 -14.70
C SER A 290 -12.75 -14.16 -14.85
N LEU A 291 -13.01 -13.06 -14.17
CA LEU A 291 -12.18 -11.87 -14.21
C LEU A 291 -11.50 -11.70 -12.86
N ILE A 292 -10.32 -11.08 -12.88
CA ILE A 292 -9.59 -10.77 -11.66
C ILE A 292 -9.12 -9.33 -11.75
N ARG A 293 -9.16 -8.63 -10.62
CA ARG A 293 -8.83 -7.21 -10.57
C ARG A 293 -7.58 -7.03 -9.73
N MET A 294 -6.65 -6.21 -10.24
CA MET A 294 -5.44 -5.95 -9.46
C MET A 294 -5.07 -4.48 -9.58
N ARG A 295 -4.14 -4.09 -8.73
CA ARG A 295 -3.78 -2.67 -8.62
C ARG A 295 -2.28 -2.52 -8.49
N ASN A 296 -1.68 -1.81 -9.45
CA ASN A 296 -0.29 -1.37 -9.41
C ASN A 296 -0.13 -0.30 -8.32
N PRO A 297 0.74 -0.49 -7.31
CA PRO A 297 0.85 0.52 -6.24
C PRO A 297 1.48 1.82 -6.69
N TRP A 298 1.97 1.91 -7.94
CA TRP A 298 2.29 3.21 -8.52
C TRP A 298 1.07 4.12 -8.58
N GLY A 299 -0.13 3.54 -8.65
CA GLY A 299 -1.32 4.31 -8.92
C GLY A 299 -1.46 4.78 -10.35
N GLU A 300 -0.67 4.20 -11.24
CA GLU A 300 -0.69 4.49 -12.67
C GLU A 300 0.04 3.35 -13.37
N VAL A 301 -0.09 3.32 -14.70
CA VAL A 301 0.50 2.30 -15.58
C VAL A 301 -0.26 0.98 -15.45
N GLU A 302 -1.12 0.71 -16.44
CA GLU A 302 -2.09 -0.38 -16.38
C GLU A 302 -2.04 -1.25 -17.64
N TRP A 303 -2.38 -2.52 -17.44
CA TRP A 303 -2.61 -3.49 -18.50
C TRP A 303 -3.40 -2.85 -19.62
N THR A 304 -3.03 -3.15 -20.86
CA THR A 304 -3.68 -2.60 -22.06
C THR A 304 -4.50 -3.63 -22.82
N GLY A 305 -4.54 -4.88 -22.34
CA GLY A 305 -5.14 -5.98 -23.06
C GLY A 305 -6.61 -6.13 -22.73
N ALA A 306 -7.13 -7.32 -22.95
CA ALA A 306 -8.52 -7.59 -22.73
C ALA A 306 -8.91 -7.29 -21.29
N TRP A 307 -10.03 -6.62 -21.16
CA TRP A 307 -10.67 -6.21 -19.92
C TRP A 307 -10.04 -5.02 -19.24
N SER A 308 -9.14 -4.35 -19.95
CA SER A 308 -8.55 -3.09 -19.51
C SER A 308 -9.60 -1.99 -19.56
N ASP A 309 -9.29 -0.84 -18.95
CA ASP A 309 -10.35 0.15 -18.70
C ASP A 309 -11.12 0.52 -19.97
N SER A 310 -10.42 0.71 -21.09
CA SER A 310 -11.08 1.15 -22.32
C SER A 310 -11.23 0.04 -23.35
N SER A 311 -11.05 -1.21 -22.97
CA SER A 311 -11.08 -2.31 -23.94
C SER A 311 -12.50 -2.59 -24.40
N SER A 312 -12.61 -3.20 -25.58
CA SER A 312 -13.90 -3.47 -26.20
C SER A 312 -14.67 -4.60 -25.51
N GLU A 313 -14.02 -5.42 -24.68
CA GLU A 313 -14.72 -6.53 -24.03
C GLU A 313 -15.93 -6.03 -23.23
N TRP A 314 -15.81 -4.85 -22.63
CA TRP A 314 -16.90 -4.32 -21.82
C TRP A 314 -18.15 -4.03 -22.63
N ASN A 315 -18.02 -3.88 -23.95
CA ASN A 315 -19.20 -3.69 -24.79
C ASN A 315 -20.10 -4.91 -24.77
N ASN A 316 -19.55 -6.09 -24.48
CA ASN A 316 -20.32 -7.32 -24.54
C ASN A 316 -20.62 -7.90 -23.17
N VAL A 317 -20.55 -7.08 -22.13
CA VAL A 317 -21.06 -7.52 -20.84
C VAL A 317 -22.34 -6.77 -20.52
N ASP A 318 -23.09 -7.35 -19.61
CA ASP A 318 -24.30 -6.78 -19.06
C ASP A 318 -24.06 -5.32 -18.65
N PRO A 319 -25.00 -4.40 -18.94
CA PRO A 319 -24.76 -2.98 -18.61
C PRO A 319 -24.62 -2.72 -17.12
N TYR A 320 -25.36 -3.47 -16.30
CA TYR A 320 -25.19 -3.35 -14.86
C TYR A 320 -23.82 -3.86 -14.43
N GLU A 321 -23.39 -5.02 -14.93
CA GLU A 321 -22.06 -5.52 -14.56
C GLU A 321 -20.98 -4.55 -15.03
N ARG A 322 -21.14 -4.03 -16.26
CA ARG A 322 -20.21 -3.01 -16.76
C ARG A 322 -20.14 -1.82 -15.81
N ASP A 323 -21.30 -1.34 -15.34
CA ASP A 323 -21.29 -0.20 -14.43
C ASP A 323 -20.71 -0.54 -13.06
N GLN A 324 -20.94 -1.76 -12.59
CA GLN A 324 -20.44 -2.16 -11.27
C GLN A 324 -18.94 -2.35 -11.26
N LEU A 325 -18.38 -2.91 -12.35
CA LEU A 325 -16.98 -3.34 -12.37
C LEU A 325 -16.02 -2.36 -13.04
N ARG A 326 -16.41 -1.76 -14.15
CA ARG A 326 -15.47 -1.01 -14.97
C ARG A 326 -15.41 0.44 -14.51
N VAL A 327 -14.21 0.92 -14.21
CA VAL A 327 -13.97 2.31 -13.87
C VAL A 327 -12.92 2.85 -14.86
N LYS A 328 -13.32 3.81 -15.67
CA LYS A 328 -12.39 4.38 -16.66
C LYS A 328 -11.57 5.44 -15.95
N MET A 329 -10.42 5.04 -15.40
CA MET A 329 -9.58 5.96 -14.64
C MET A 329 -8.17 5.44 -14.59
N GLU A 330 -7.19 6.31 -14.87
CA GLU A 330 -5.79 5.92 -14.70
C GLU A 330 -5.49 6.01 -13.20
N ASP A 331 -5.69 4.89 -12.51
CA ASP A 331 -5.53 4.78 -11.08
C ASP A 331 -4.66 3.59 -10.67
N GLY A 332 -4.05 2.90 -11.63
CA GLY A 332 -3.28 1.70 -11.32
C GLY A 332 -4.11 0.44 -11.21
N GLU A 333 -5.43 0.55 -11.24
CA GLU A 333 -6.30 -0.60 -11.03
C GLU A 333 -6.99 -1.01 -12.33
N PHE A 334 -7.08 -2.31 -12.57
CA PHE A 334 -7.60 -2.82 -13.84
C PHE A 334 -7.99 -4.28 -13.68
N TRP A 335 -8.82 -4.74 -14.61
CA TRP A 335 -9.24 -6.12 -14.71
C TRP A 335 -8.45 -6.85 -15.81
N MET A 336 -8.29 -8.15 -15.62
CA MET A 336 -7.85 -9.09 -16.63
C MET A 336 -8.74 -10.32 -16.56
N SER A 337 -8.85 -11.04 -17.67
CA SER A 337 -9.40 -12.38 -17.57
C SER A 337 -8.47 -13.27 -16.74
N PHE A 338 -9.06 -14.23 -16.03
CA PHE A 338 -8.22 -15.17 -15.30
C PHE A 338 -7.26 -15.90 -16.23
N ARG A 339 -7.72 -16.21 -17.44
CA ARG A 339 -6.83 -16.85 -18.41
C ARG A 339 -5.61 -15.98 -18.72
N ASP A 340 -5.83 -14.69 -18.97
CA ASP A 340 -4.71 -13.79 -19.23
C ASP A 340 -3.83 -13.62 -17.99
N PHE A 341 -4.47 -13.49 -16.82
CA PHE A 341 -3.71 -13.41 -15.58
C PHE A 341 -2.77 -14.59 -15.43
N MET A 342 -3.25 -15.81 -15.74
CA MET A 342 -2.37 -16.96 -15.60
C MET A 342 -1.34 -17.03 -16.70
N ARG A 343 -1.57 -16.34 -17.80
CA ARG A 343 -0.58 -16.31 -18.87
C ARG A 343 0.52 -15.29 -18.56
N GLU A 344 0.20 -14.18 -17.92
CA GLU A 344 1.12 -13.05 -17.78
C GLU A 344 1.81 -12.98 -16.42
N PHE A 345 1.11 -13.29 -15.34
CA PHE A 345 1.72 -13.24 -14.03
C PHE A 345 2.37 -14.59 -13.70
N THR A 346 3.33 -14.57 -12.77
CA THR A 346 4.05 -15.79 -12.42
C THR A 346 3.67 -16.31 -11.05
N ARG A 347 3.47 -15.42 -10.08
CA ARG A 347 3.31 -15.82 -8.69
C ARG A 347 2.12 -15.10 -8.07
N LEU A 348 1.50 -15.79 -7.11
CA LEU A 348 0.43 -15.22 -6.31
C LEU A 348 0.70 -15.51 -4.84
N GLU A 349 0.37 -14.57 -3.96
CA GLU A 349 0.53 -14.77 -2.52
C GLU A 349 -0.83 -14.51 -1.88
N ILE A 350 -1.19 -15.36 -0.92
CA ILE A 350 -2.43 -15.19 -0.18
C ILE A 350 -2.08 -15.25 1.30
N CYS A 351 -2.29 -14.15 2.00
CA CYS A 351 -2.03 -14.10 3.44
C CYS A 351 -3.37 -14.23 4.14
N ASN A 352 -3.59 -15.38 4.80
CA ASN A 352 -4.83 -15.66 5.50
C ASN A 352 -4.66 -15.42 7.00
N LEU A 353 -5.70 -14.87 7.61
CA LEU A 353 -5.72 -14.72 9.07
C LEU A 353 -5.89 -16.06 9.76
N THR A 354 -7.01 -16.75 9.49
CA THR A 354 -7.36 -18.07 10.01
C THR A 354 -6.82 -18.38 11.41
#